data_1FBH
#
_entry.id   1FBH
#
_cell.length_a   131.200
_cell.length_b   131.200
_cell.length_c   69.300
_cell.angle_alpha   90.00
_cell.angle_beta   90.00
_cell.angle_gamma   120.00
#
_symmetry.space_group_name_H-M   'P 32 2 1'
#
loop_
_entity.id
_entity.type
_entity.pdbx_description
1 polymer 'FRUCTOSE 1,6-BISPHOSPHATASE'
2 non-polymer 1,6-di-O-phosphono-alpha-D-fructofuranose
3 non-polymer 1,6-di-O-phosphono-beta-D-fructofuranose
4 water water
#
_entity_poly.entity_id   1
_entity_poly.type   'polypeptide(L)'
_entity_poly.pdbx_seq_one_letter_code
;TDQAAFDTNIVTLTRFVMEQGRKARGTGEMTQLLNSLCTAVKAISTAVRKAGIAHLYGIAGSTNVTGDQVKKLDVLSNDL
VINVLKSSFATCVLVTEEDKNAIIVEPEKRGKYVVCFDPLDGSSNIDCLVSIGTIFGIYRKNSTDEPSEKDALQPGRNLV
AAGYALYGSATMLVLAMVNGVNCFMLDPAIGEFILVDRNVKIKKKGSIYSINEGYAKEFDPAITEYIQRKKFPPDNSAPY
GARYVGSMVADVHRTLVYGGIFMYPANKKSPKGKLRLLYECNPMAYVMEKAGGLATTGKEAVLDIVPTDIHQRAPIILGS
PEDVTELLEIYQKHA
;
_entity_poly.pdbx_strand_id   A,B
#
# COMPACT_ATOMS: atom_id res chain seq x y z
N ASP A 7 19.97 -11.36 -19.62
CA ASP A 7 21.11 -11.73 -18.81
C ASP A 7 21.14 -13.23 -18.99
N THR A 8 22.32 -13.81 -18.93
CA THR A 8 22.57 -15.21 -19.15
C THR A 8 22.47 -16.03 -17.86
N ASN A 9 23.16 -15.59 -16.80
CA ASN A 9 23.10 -16.38 -15.57
C ASN A 9 22.23 -15.64 -14.59
N ILE A 10 20.99 -16.11 -14.49
CA ILE A 10 20.02 -15.49 -13.61
C ILE A 10 19.83 -16.35 -12.38
N VAL A 11 19.89 -15.81 -11.16
CA VAL A 11 19.66 -16.63 -9.98
C VAL A 11 18.18 -16.59 -9.64
N THR A 12 17.49 -17.67 -9.92
CA THR A 12 16.08 -17.79 -9.62
C THR A 12 15.87 -18.33 -8.20
N LEU A 13 14.65 -18.32 -7.65
CA LEU A 13 14.41 -18.94 -6.34
C LEU A 13 14.73 -20.44 -6.38
N THR A 14 14.41 -21.14 -7.46
CA THR A 14 14.71 -22.56 -7.61
C THR A 14 16.21 -22.79 -7.54
N ARG A 15 17.05 -22.09 -8.32
CA ARG A 15 18.49 -22.28 -8.29
C ARG A 15 19.08 -22.03 -6.91
N PHE A 16 18.68 -20.93 -6.28
CA PHE A 16 19.12 -20.58 -4.94
C PHE A 16 18.77 -21.68 -3.94
N VAL A 17 17.51 -22.10 -3.85
CA VAL A 17 17.09 -23.11 -2.91
C VAL A 17 17.73 -24.46 -3.20
N MET A 18 17.98 -24.82 -4.46
CA MET A 18 18.62 -26.08 -4.82
C MET A 18 20.08 -26.07 -4.36
N GLU A 19 20.84 -25.01 -4.63
CA GLU A 19 22.22 -24.94 -4.18
C GLU A 19 22.31 -25.00 -2.66
N GLN A 20 21.41 -24.30 -1.98
CA GLN A 20 21.41 -24.34 -0.55
C GLN A 20 21.12 -25.74 -0.07
N GLY A 21 20.12 -26.38 -0.67
CA GLY A 21 19.70 -27.73 -0.31
C GLY A 21 20.77 -28.78 -0.51
N ARG A 22 21.63 -28.59 -1.49
CA ARG A 22 22.72 -29.51 -1.72
C ARG A 22 23.63 -29.57 -0.51
N LYS A 23 23.83 -28.42 0.12
CA LYS A 23 24.72 -28.32 1.24
C LYS A 23 24.24 -29.10 2.44
N ALA A 24 22.94 -29.34 2.52
CA ALA A 24 22.36 -30.10 3.62
C ALA A 24 22.37 -31.60 3.41
N ARG A 25 22.79 -32.05 2.23
CA ARG A 25 22.82 -33.46 1.88
C ARG A 25 21.43 -34.02 2.13
N GLY A 26 20.47 -33.32 1.56
CA GLY A 26 19.08 -33.64 1.74
C GLY A 26 18.45 -34.52 0.68
N THR A 27 17.14 -34.38 0.49
CA THR A 27 16.35 -35.16 -0.45
C THR A 27 15.79 -34.37 -1.64
N GLY A 28 15.69 -33.04 -1.64
CA GLY A 28 15.10 -32.28 -2.74
C GLY A 28 13.68 -31.82 -2.41
N GLU A 29 13.08 -32.33 -1.33
CA GLU A 29 11.72 -31.99 -0.96
C GLU A 29 11.50 -30.51 -0.73
N MET A 30 12.35 -29.76 -0.01
CA MET A 30 12.19 -28.32 0.18
C MET A 30 12.21 -27.61 -1.15
N THR A 31 13.06 -27.99 -2.09
CA THR A 31 13.05 -27.36 -3.39
C THR A 31 11.74 -27.69 -4.07
N GLN A 32 11.21 -28.90 -3.97
CA GLN A 32 9.94 -29.29 -4.57
C GLN A 32 8.84 -28.42 -4.03
N LEU A 33 8.92 -28.22 -2.72
CA LEU A 33 7.90 -27.49 -1.99
C LEU A 33 7.88 -26.02 -2.41
N LEU A 34 9.00 -25.31 -2.35
CA LEU A 34 9.02 -23.90 -2.69
C LEU A 34 8.81 -23.67 -4.17
N ASN A 35 9.14 -24.64 -5.03
CA ASN A 35 8.84 -24.54 -6.44
C ASN A 35 7.34 -24.53 -6.65
N SER A 36 6.62 -25.42 -5.98
CA SER A 36 5.17 -25.48 -6.05
C SER A 36 4.56 -24.20 -5.53
N LEU A 37 5.06 -23.74 -4.38
CA LEU A 37 4.55 -22.55 -3.75
C LEU A 37 4.69 -21.39 -4.73
N CYS A 38 5.82 -21.20 -5.39
CA CYS A 38 5.98 -20.16 -6.38
C CYS A 38 4.91 -20.18 -7.47
N THR A 39 4.52 -21.35 -8.00
CA THR A 39 3.46 -21.46 -8.98
C THR A 39 2.17 -20.90 -8.39
N ALA A 40 1.88 -21.11 -7.11
CA ALA A 40 0.63 -20.60 -6.57
C ALA A 40 0.76 -19.10 -6.42
N VAL A 41 1.91 -18.63 -5.93
CA VAL A 41 2.14 -17.22 -5.73
C VAL A 41 2.01 -16.50 -7.06
N LYS A 42 2.57 -16.96 -8.17
CA LYS A 42 2.39 -16.32 -9.47
C LYS A 42 0.95 -16.27 -9.90
N ALA A 43 0.19 -17.35 -9.72
CA ALA A 43 -1.21 -17.31 -10.08
C ALA A 43 -2.05 -16.35 -9.21
N ILE A 44 -1.78 -16.26 -7.90
CA ILE A 44 -2.54 -15.36 -7.02
C ILE A 44 -2.18 -13.95 -7.45
N SER A 45 -0.91 -13.69 -7.79
CA SER A 45 -0.46 -12.38 -8.22
C SER A 45 -1.26 -11.97 -9.45
N THR A 46 -1.28 -12.73 -10.54
CA THR A 46 -2.10 -12.42 -11.68
C THR A 46 -3.57 -12.24 -11.30
N ALA A 47 -4.11 -13.00 -10.34
CA ALA A 47 -5.52 -12.82 -10.01
C ALA A 47 -5.74 -11.45 -9.38
N VAL A 48 -4.88 -11.03 -8.47
CA VAL A 48 -5.04 -9.76 -7.80
C VAL A 48 -4.75 -8.61 -8.75
N ARG A 49 -3.83 -8.75 -9.69
CA ARG A 49 -3.49 -7.73 -10.67
C ARG A 49 -4.66 -7.41 -11.62
N LYS A 50 -5.64 -8.30 -11.75
CA LYS A 50 -6.81 -8.02 -12.55
C LYS A 50 -8.07 -8.25 -11.71
N ALA A 51 -7.92 -8.27 -10.38
CA ALA A 51 -9.04 -8.40 -9.46
C ALA A 51 -9.74 -7.05 -9.48
N GLY A 52 -10.77 -7.03 -10.29
CA GLY A 52 -11.53 -5.82 -10.45
C GLY A 52 -12.10 -5.79 -11.84
N ILE A 53 -11.46 -6.46 -12.81
CA ILE A 53 -11.98 -6.47 -14.16
C ILE A 53 -13.00 -7.59 -14.20
N ALA A 54 -14.22 -7.17 -13.90
CA ALA A 54 -15.42 -8.00 -13.85
C ALA A 54 -16.59 -7.02 -13.71
N HIS A 55 -16.43 -5.95 -13.11
N ASP A 68 -17.75 -12.58 -3.93
CA ASP A 68 -17.27 -11.22 -4.13
C ASP A 68 -15.75 -11.35 -4.22
N GLN A 69 -14.86 -10.35 -4.30
CA GLN A 69 -13.43 -10.63 -4.38
C GLN A 69 -12.75 -10.82 -3.03
N VAL A 70 -13.48 -10.70 -1.91
CA VAL A 70 -12.93 -11.07 -0.61
C VAL A 70 -13.38 -12.54 -0.58
N LYS A 71 -14.61 -12.90 -0.16
CA LYS A 71 -15.00 -14.30 -0.18
C LYS A 71 -15.34 -14.66 -1.62
N LYS A 72 -14.35 -15.39 -2.12
CA LYS A 72 -14.27 -16.07 -3.39
C LYS A 72 -12.78 -16.00 -3.67
N LEU A 73 -12.14 -14.84 -3.80
CA LEU A 73 -10.71 -14.81 -4.07
C LEU A 73 -9.87 -15.42 -2.97
N ASP A 74 -10.17 -15.22 -1.68
CA ASP A 74 -9.38 -15.91 -0.68
C ASP A 74 -9.66 -17.41 -0.70
N VAL A 75 -10.85 -17.84 -1.10
CA VAL A 75 -11.18 -19.26 -1.22
C VAL A 75 -10.36 -19.92 -2.35
N LEU A 76 -10.35 -19.35 -3.55
CA LEU A 76 -9.58 -19.86 -4.66
C LEU A 76 -8.11 -19.84 -4.31
N SER A 77 -7.58 -18.77 -3.69
CA SER A 77 -6.20 -18.73 -3.24
C SER A 77 -5.89 -19.88 -2.30
N ASN A 78 -6.79 -20.18 -1.38
CA ASN A 78 -6.61 -21.29 -0.46
C ASN A 78 -6.64 -22.65 -1.14
N ASP A 79 -7.59 -22.91 -2.05
CA ASP A 79 -7.63 -24.16 -2.77
C ASP A 79 -6.39 -24.31 -3.63
N LEU A 80 -5.90 -23.24 -4.26
CA LEU A 80 -4.72 -23.33 -5.11
C LEU A 80 -3.46 -23.71 -4.35
N VAL A 81 -3.22 -23.08 -3.21
CA VAL A 81 -2.05 -23.36 -2.41
C VAL A 81 -2.12 -24.79 -1.90
N ILE A 82 -3.26 -25.30 -1.42
CA ILE A 82 -3.34 -26.66 -0.89
C ILE A 82 -3.05 -27.64 -2.03
N ASN A 83 -3.60 -27.38 -3.22
CA ASN A 83 -3.34 -28.23 -4.37
C ASN A 83 -1.89 -28.26 -4.76
N VAL A 84 -1.22 -27.10 -4.85
CA VAL A 84 0.19 -27.10 -5.23
C VAL A 84 1.02 -27.75 -4.14
N LEU A 85 0.69 -27.60 -2.86
CA LEU A 85 1.49 -28.20 -1.83
C LEU A 85 1.32 -29.72 -1.80
N LYS A 86 0.12 -30.24 -1.97
CA LYS A 86 -0.10 -31.67 -1.99
C LYS A 86 0.64 -32.38 -3.11
N SER A 87 0.71 -31.75 -4.28
CA SER A 87 1.39 -32.35 -5.40
C SER A 87 2.90 -32.21 -5.36
N SER A 88 3.50 -31.58 -4.32
CA SER A 88 4.95 -31.41 -4.29
C SER A 88 5.65 -32.65 -3.77
N PHE A 89 4.88 -33.56 -3.17
CA PHE A 89 5.39 -34.75 -2.52
C PHE A 89 6.32 -34.31 -1.40
N ALA A 90 6.01 -33.18 -0.78
CA ALA A 90 6.86 -32.69 0.28
C ALA A 90 6.21 -32.38 1.60
N THR A 91 4.91 -32.51 1.73
CA THR A 91 4.20 -32.05 2.89
C THR A 91 3.41 -33.19 3.50
N CYS A 92 2.98 -33.12 4.75
CA CYS A 92 2.10 -34.10 5.33
C CYS A 92 1.03 -33.43 6.14
N VAL A 93 1.25 -32.24 6.69
CA VAL A 93 0.20 -31.57 7.44
C VAL A 93 0.15 -30.16 6.88
N LEU A 94 -1.03 -29.60 6.61
CA LEU A 94 -1.15 -28.27 6.07
C LEU A 94 -2.12 -27.52 6.96
N VAL A 95 -1.78 -26.39 7.58
CA VAL A 95 -2.70 -25.60 8.43
C VAL A 95 -3.00 -24.30 7.71
N THR A 96 -4.28 -23.98 7.58
CA THR A 96 -4.72 -22.82 6.83
C THR A 96 -5.52 -21.90 7.72
N GLU A 97 -5.41 -20.61 7.44
CA GLU A 97 -6.27 -19.60 8.04
C GLU A 97 -7.72 -19.96 7.74
N GLU A 98 -7.97 -20.31 6.48
CA GLU A 98 -9.28 -20.69 6.01
C GLU A 98 -9.83 -22.03 6.52
N ASP A 99 -9.06 -23.01 7.04
CA ASP A 99 -9.65 -24.29 7.42
C ASP A 99 -9.62 -24.61 8.91
N LYS A 100 -10.78 -24.99 9.44
CA LYS A 100 -10.95 -25.34 10.85
C LYS A 100 -9.88 -26.30 11.39
N ASN A 101 -9.67 -27.40 10.68
CA ASN A 101 -8.75 -28.43 11.10
C ASN A 101 -7.58 -28.48 10.15
N ALA A 102 -6.51 -29.14 10.54
CA ALA A 102 -5.37 -29.32 9.68
C ALA A 102 -5.72 -30.30 8.58
N ILE A 103 -5.09 -30.13 7.43
CA ILE A 103 -5.29 -30.99 6.30
C ILE A 103 -4.17 -32.01 6.35
N ILE A 104 -4.53 -33.30 6.35
CA ILE A 104 -3.53 -34.35 6.37
C ILE A 104 -3.42 -34.86 4.94
N VAL A 105 -2.22 -34.75 4.39
CA VAL A 105 -1.96 -35.15 3.03
C VAL A 105 -2.04 -36.64 2.92
N GLU A 106 -2.67 -37.09 1.84
CA GLU A 106 -2.84 -38.49 1.49
C GLU A 106 -1.51 -39.24 1.47
N PRO A 107 -1.43 -40.51 1.88
CA PRO A 107 -0.21 -41.30 1.91
C PRO A 107 0.56 -41.29 0.61
N GLU A 108 -0.18 -41.25 -0.50
CA GLU A 108 0.42 -41.28 -1.82
C GLU A 108 1.29 -40.08 -2.07
N LYS A 109 0.87 -38.95 -1.51
CA LYS A 109 1.53 -37.69 -1.75
C LYS A 109 2.32 -37.16 -0.56
N ARG A 110 2.54 -37.93 0.50
CA ARG A 110 3.17 -37.40 1.70
C ARG A 110 4.65 -37.22 1.65
N GLY A 111 5.11 -36.22 2.41
CA GLY A 111 6.51 -35.89 2.56
C GLY A 111 6.75 -35.44 3.99
N LYS A 112 7.96 -34.95 4.30
CA LYS A 112 8.30 -34.57 5.67
C LYS A 112 7.92 -33.20 6.22
N TYR A 113 7.46 -32.24 5.43
CA TYR A 113 7.25 -30.92 5.98
C TYR A 113 5.84 -30.58 6.39
N VAL A 114 5.66 -29.71 7.39
CA VAL A 114 4.35 -29.25 7.84
C VAL A 114 4.30 -27.81 7.34
N VAL A 115 3.20 -27.32 6.77
CA VAL A 115 3.18 -25.95 6.30
C VAL A 115 2.01 -25.23 6.91
N CYS A 116 2.23 -24.11 7.56
CA CYS A 116 1.13 -23.34 8.10
C CYS A 116 1.14 -22.12 7.22
N PHE A 117 0.03 -21.68 6.67
CA PHE A 117 0.06 -20.53 5.78
C PHE A 117 -1.22 -19.72 5.89
N ASP A 118 -1.15 -18.44 5.58
CA ASP A 118 -2.33 -17.61 5.45
C ASP A 118 -2.29 -17.35 3.94
N PRO A 119 -3.25 -17.80 3.14
CA PRO A 119 -3.22 -17.69 1.68
C PRO A 119 -3.39 -16.27 1.12
N LEU A 120 -4.16 -15.35 1.73
CA LEU A 120 -4.30 -13.99 1.22
C LEU A 120 -4.65 -13.21 2.46
N ASP A 121 -3.65 -12.65 3.12
CA ASP A 121 -3.86 -11.94 4.36
C ASP A 121 -4.40 -10.54 4.08
N GLY A 122 -5.54 -10.20 4.66
CA GLY A 122 -6.12 -8.91 4.46
C GLY A 122 -6.89 -8.89 3.16
N SER A 123 -7.53 -9.98 2.75
CA SER A 123 -8.28 -10.05 1.50
C SER A 123 -9.35 -8.96 1.39
N SER A 124 -9.79 -8.39 2.51
CA SER A 124 -10.75 -7.28 2.56
C SER A 124 -10.18 -6.05 1.82
N ASN A 125 -8.87 -5.83 2.03
CA ASN A 125 -8.12 -4.72 1.47
C ASN A 125 -8.00 -4.60 -0.04
N ILE A 126 -8.38 -5.64 -0.80
CA ILE A 126 -8.23 -5.61 -2.24
C ILE A 126 -9.07 -4.48 -2.80
N ASP A 127 -10.25 -4.16 -2.24
CA ASP A 127 -11.07 -3.09 -2.80
C ASP A 127 -10.43 -1.70 -2.73
N CYS A 128 -9.48 -1.51 -1.84
CA CYS A 128 -8.86 -0.22 -1.68
C CYS A 128 -7.47 -0.22 -2.30
N LEU A 129 -7.16 -1.28 -3.08
CA LEU A 129 -5.87 -1.60 -3.70
C LEU A 129 -4.64 -1.58 -2.81
N VAL A 130 -4.91 -1.94 -1.55
CA VAL A 130 -3.91 -2.03 -0.50
C VAL A 130 -3.09 -3.28 -0.77
N SER A 131 -1.77 -3.25 -0.69
CA SER A 131 -0.98 -4.46 -0.84
C SER A 131 -1.27 -5.47 0.25
N ILE A 132 -1.48 -6.69 -0.23
CA ILE A 132 -1.85 -7.86 0.57
C ILE A 132 -0.78 -8.93 0.27
N GLY A 133 -0.83 -10.14 0.85
CA GLY A 133 0.17 -11.15 0.52
C GLY A 133 -0.08 -12.52 1.12
N THR A 134 0.77 -13.49 0.83
CA THR A 134 0.64 -14.84 1.36
C THR A 134 1.72 -15.00 2.42
N ILE A 135 1.44 -15.52 3.60
CA ILE A 135 2.45 -15.69 4.63
C ILE A 135 2.57 -17.20 4.85
N PHE A 136 3.76 -17.74 5.10
CA PHE A 136 3.93 -19.18 5.33
C PHE A 136 5.09 -19.51 6.28
N GLY A 137 4.90 -20.56 7.06
CA GLY A 137 5.92 -21.08 7.96
C GLY A 137 6.00 -22.56 7.67
N ILE A 138 7.20 -23.11 7.57
CA ILE A 138 7.41 -24.53 7.26
C ILE A 138 8.13 -25.24 8.42
N TYR A 139 7.55 -26.31 8.98
CA TYR A 139 8.20 -27.13 10.00
C TYR A 139 8.56 -28.46 9.36
N ARG A 140 9.31 -29.25 10.11
CA ARG A 140 9.73 -30.57 9.75
C ARG A 140 8.98 -31.44 10.75
N LYS A 141 8.23 -32.48 10.36
CA LYS A 141 7.56 -33.40 11.28
C LYS A 141 8.70 -34.28 11.78
N ASN A 142 8.89 -34.37 13.10
CA ASN A 142 9.98 -35.13 13.70
C ASN A 142 9.61 -36.47 14.27
N SER A 143 8.33 -36.57 14.69
CA SER A 143 7.80 -37.77 15.28
C SER A 143 7.58 -38.89 14.24
N THR A 144 7.26 -40.10 14.68
CA THR A 144 7.09 -41.31 13.89
C THR A 144 5.67 -41.84 13.76
N ASP A 145 4.72 -41.26 14.47
CA ASP A 145 3.35 -41.72 14.38
C ASP A 145 2.66 -41.06 13.22
N GLU A 146 1.38 -41.36 12.98
CA GLU A 146 0.61 -40.70 11.96
C GLU A 146 0.66 -39.18 12.02
N PRO A 147 0.75 -38.46 10.89
CA PRO A 147 0.62 -37.01 10.85
C PRO A 147 -0.70 -36.59 11.48
N SER A 148 -0.62 -35.52 12.26
CA SER A 148 -1.79 -34.96 12.91
C SER A 148 -1.52 -33.47 13.07
N GLU A 149 -2.49 -32.66 13.49
CA GLU A 149 -2.18 -31.26 13.74
C GLU A 149 -1.19 -31.06 14.88
N LYS A 150 -0.94 -32.05 15.75
CA LYS A 150 0.10 -31.91 16.78
C LYS A 150 1.50 -31.73 16.17
N ASP A 151 1.77 -32.16 14.94
CA ASP A 151 3.07 -31.91 14.34
C ASP A 151 3.24 -30.42 13.99
N ALA A 152 2.11 -29.69 13.86
CA ALA A 152 2.10 -28.27 13.58
C ALA A 152 2.29 -27.50 14.88
N LEU A 153 2.02 -28.09 16.05
CA LEU A 153 2.13 -27.37 17.31
C LEU A 153 3.54 -27.29 17.88
N GLN A 154 4.46 -26.75 17.10
CA GLN A 154 5.83 -26.59 17.53
C GLN A 154 6.10 -25.11 17.73
N PRO A 155 7.06 -24.68 18.55
CA PRO A 155 7.43 -23.28 18.69
C PRO A 155 8.01 -22.79 17.37
N GLY A 156 7.80 -21.51 17.05
CA GLY A 156 8.37 -20.85 15.88
C GLY A 156 9.88 -20.88 15.83
N ARG A 157 10.52 -21.11 16.96
CA ARG A 157 11.96 -21.28 17.04
C ARG A 157 12.42 -22.45 16.18
N ASN A 158 11.51 -23.43 15.99
CA ASN A 158 11.74 -24.62 15.18
C ASN A 158 11.26 -24.50 13.73
N LEU A 159 11.00 -23.31 13.16
CA LEU A 159 10.61 -23.26 11.76
C LEU A 159 11.88 -23.48 10.98
N VAL A 160 11.73 -24.20 9.90
CA VAL A 160 12.85 -24.52 9.02
C VAL A 160 13.00 -23.40 8.00
N ALA A 161 11.91 -22.77 7.64
CA ALA A 161 11.90 -21.76 6.60
C ALA A 161 10.63 -20.98 6.85
N ALA A 162 10.55 -19.72 6.45
CA ALA A 162 9.34 -18.93 6.64
C ALA A 162 9.44 -17.74 5.70
N GLY A 163 8.32 -17.08 5.39
CA GLY A 163 8.42 -15.92 4.54
C GLY A 163 7.05 -15.41 4.19
N TYR A 164 7.02 -14.59 3.16
CA TYR A 164 5.78 -14.02 2.69
C TYR A 164 6.00 -13.60 1.26
N ALA A 165 4.90 -13.53 0.51
CA ALA A 165 4.92 -12.97 -0.83
C ALA A 165 4.03 -11.76 -0.71
N LEU A 166 4.49 -10.60 -1.14
CA LEU A 166 3.75 -9.35 -1.11
C LEU A 166 3.21 -9.08 -2.50
N TYR A 167 1.92 -8.89 -2.69
CA TYR A 167 1.34 -8.55 -3.99
C TYR A 167 1.11 -7.05 -3.89
N GLY A 168 2.09 -6.26 -4.36
CA GLY A 168 2.06 -4.81 -4.33
C GLY A 168 2.37 -4.28 -5.72
N SER A 169 3.05 -3.14 -5.84
CA SER A 169 3.37 -2.60 -7.15
C SER A 169 4.25 -3.55 -7.93
N ALA A 170 4.95 -4.41 -7.18
CA ALA A 170 5.74 -5.51 -7.69
C ALA A 170 5.42 -6.67 -6.77
N THR A 171 5.52 -7.91 -7.23
CA THR A 171 5.35 -9.03 -6.34
C THR A 171 6.71 -9.44 -5.82
N MET A 172 6.84 -9.50 -4.50
CA MET A 172 8.10 -9.78 -3.83
C MET A 172 8.00 -11.06 -2.99
N LEU A 173 8.93 -12.01 -3.07
CA LEU A 173 8.96 -13.14 -2.15
C LEU A 173 10.16 -12.99 -1.22
N VAL A 174 9.89 -12.79 0.06
CA VAL A 174 10.92 -12.70 1.09
C VAL A 174 10.95 -14.08 1.75
N LEU A 175 12.14 -14.66 1.71
CA LEU A 175 12.36 -16.01 2.20
C LEU A 175 13.41 -16.00 3.31
N ALA A 176 13.07 -16.57 4.47
CA ALA A 176 13.99 -16.71 5.59
C ALA A 176 14.28 -18.18 5.89
N MET A 177 15.54 -18.54 5.95
CA MET A 177 15.96 -19.88 6.33
C MET A 177 17.15 -19.73 7.29
N VAL A 178 17.78 -20.82 7.75
CA VAL A 178 18.91 -20.79 8.69
C VAL A 178 20.05 -19.87 8.24
N ASN A 179 20.31 -19.81 6.94
CA ASN A 179 21.39 -18.98 6.45
C ASN A 179 21.02 -17.53 6.24
N GLY A 180 19.80 -17.06 6.48
CA GLY A 180 19.50 -15.67 6.29
C GLY A 180 18.15 -15.38 5.65
N VAL A 181 17.95 -14.09 5.33
CA VAL A 181 16.75 -13.56 4.69
C VAL A 181 17.16 -13.09 3.29
N ASN A 182 16.46 -13.51 2.24
CA ASN A 182 16.75 -13.08 0.90
C ASN A 182 15.44 -12.65 0.26
N CYS A 183 15.53 -11.74 -0.70
CA CYS A 183 14.35 -11.18 -1.35
C CYS A 183 14.41 -11.45 -2.84
N PHE A 184 13.34 -12.01 -3.37
CA PHE A 184 13.21 -12.38 -4.78
C PHE A 184 12.06 -11.63 -5.44
N MET A 185 12.27 -10.97 -6.57
CA MET A 185 11.20 -10.23 -7.21
C MET A 185 10.65 -11.01 -8.39
N LEU A 186 9.34 -11.02 -8.59
CA LEU A 186 8.78 -11.72 -9.70
C LEU A 186 9.06 -10.99 -11.01
N ASP A 187 9.85 -11.51 -11.93
CA ASP A 187 9.98 -10.88 -13.22
C ASP A 187 8.76 -11.30 -14.02
N PRO A 188 7.83 -10.44 -14.39
CA PRO A 188 6.58 -10.83 -15.03
C PRO A 188 6.81 -11.39 -16.43
N ALA A 189 7.85 -10.95 -17.14
CA ALA A 189 8.12 -11.41 -18.49
C ALA A 189 8.47 -12.90 -18.53
N ILE A 190 9.32 -13.37 -17.62
CA ILE A 190 9.66 -14.78 -17.67
C ILE A 190 8.98 -15.57 -16.59
N GLY A 191 8.11 -14.96 -15.78
CA GLY A 191 7.43 -15.66 -14.70
C GLY A 191 8.42 -16.42 -13.82
N GLU A 192 9.41 -15.72 -13.27
CA GLU A 192 10.46 -16.38 -12.52
C GLU A 192 10.88 -15.43 -11.41
N PHE A 193 10.97 -15.88 -10.16
CA PHE A 193 11.43 -15.05 -9.04
C PHE A 193 12.94 -14.90 -9.07
N ILE A 194 13.44 -13.68 -9.25
CA ILE A 194 14.86 -13.42 -9.39
C ILE A 194 15.40 -12.90 -8.06
N LEU A 195 16.57 -13.37 -7.61
CA LEU A 195 17.19 -12.87 -6.39
C LEU A 195 17.66 -11.44 -6.60
N VAL A 196 17.08 -10.52 -5.84
CA VAL A 196 17.43 -9.11 -5.90
C VAL A 196 18.13 -8.65 -4.63
N ASP A 197 17.79 -9.15 -3.43
CA ASP A 197 18.48 -8.72 -2.22
C ASP A 197 18.98 -9.90 -1.41
N ARG A 198 20.25 -9.92 -1.07
CA ARG A 198 20.88 -11.04 -0.39
C ARG A 198 21.22 -10.64 1.04
N ASN A 199 20.93 -11.58 1.93
CA ASN A 199 21.03 -11.47 3.38
C ASN A 199 20.75 -10.11 3.97
N VAL A 200 19.46 -9.83 3.91
CA VAL A 200 18.92 -8.58 4.42
C VAL A 200 19.05 -8.57 5.94
N LYS A 201 19.56 -7.45 6.44
CA LYS A 201 19.68 -7.20 7.86
C LYS A 201 18.88 -5.93 8.11
N ILE A 202 18.14 -5.82 9.21
CA ILE A 202 17.33 -4.65 9.50
C ILE A 202 18.22 -3.61 10.19
N LYS A 203 17.95 -2.31 10.09
CA LYS A 203 18.78 -1.38 10.82
C LYS A 203 18.38 -1.35 12.28
N LYS A 204 19.41 -1.13 13.09
CA LYS A 204 19.28 -1.15 14.55
C LYS A 204 18.23 -0.23 15.13
N LYS A 205 18.04 0.98 14.62
CA LYS A 205 17.04 1.88 15.14
C LYS A 205 16.37 2.45 13.90
N GLY A 206 15.11 2.82 13.94
CA GLY A 206 14.41 3.29 12.77
C GLY A 206 13.70 4.59 13.12
N SER A 207 12.91 5.13 12.21
CA SER A 207 12.22 6.39 12.42
C SER A 207 10.70 6.24 12.40
N ILE A 208 10.13 5.06 12.24
CA ILE A 208 8.70 4.97 12.06
C ILE A 208 8.10 4.05 13.08
N TYR A 209 6.92 4.39 13.57
CA TYR A 209 6.24 3.48 14.45
C TYR A 209 4.94 3.11 13.73
N SER A 210 4.49 1.85 13.62
CA SER A 210 3.18 1.56 13.04
C SER A 210 2.33 0.93 14.11
N ILE A 211 1.10 1.42 14.22
CA ILE A 211 0.07 0.89 15.11
C ILE A 211 -1.25 1.50 14.66
N ASN A 212 -2.37 0.89 14.95
CA ASN A 212 -3.66 1.43 14.65
C ASN A 212 -4.00 2.25 15.89
N GLU A 213 -3.73 3.56 15.84
CA GLU A 213 -4.04 4.40 16.98
C GLU A 213 -5.52 4.64 17.22
N GLY A 214 -6.40 4.21 16.29
CA GLY A 214 -7.83 4.32 16.52
C GLY A 214 -8.23 3.49 17.73
N TYR A 215 -7.38 2.58 18.22
CA TYR A 215 -7.70 1.82 19.41
C TYR A 215 -7.17 2.46 20.66
N ALA A 216 -6.73 3.73 20.61
CA ALA A 216 -6.13 4.41 21.75
C ALA A 216 -6.78 4.19 23.12
N LYS A 217 -8.10 4.05 23.23
CA LYS A 217 -8.73 3.82 24.52
C LYS A 217 -8.32 2.52 25.17
N GLU A 218 -8.17 1.50 24.32
CA GLU A 218 -7.92 0.16 24.76
C GLU A 218 -6.46 -0.22 24.96
N PHE A 219 -5.49 0.66 24.74
CA PHE A 219 -4.11 0.23 24.85
C PHE A 219 -3.67 0.08 26.28
N ASP A 220 -2.90 -0.96 26.57
CA ASP A 220 -2.35 -1.11 27.90
C ASP A 220 -1.35 0.03 28.15
N PRO A 221 -1.26 0.66 29.33
CA PRO A 221 -0.43 1.83 29.59
C PRO A 221 1.04 1.82 29.17
N ALA A 222 1.64 0.66 28.88
CA ALA A 222 3.01 0.60 28.41
C ALA A 222 3.07 1.01 26.96
N ILE A 223 2.09 0.57 26.18
CA ILE A 223 2.00 0.95 24.78
C ILE A 223 1.72 2.45 24.76
N THR A 224 0.73 2.86 25.54
CA THR A 224 0.26 4.24 25.61
C THR A 224 1.36 5.25 25.94
N GLU A 225 2.27 4.86 26.83
CA GLU A 225 3.42 5.68 27.17
C GLU A 225 4.41 5.76 26.00
N TYR A 226 4.80 4.63 25.40
CA TYR A 226 5.75 4.59 24.29
C TYR A 226 5.29 5.44 23.11
N ILE A 227 4.01 5.34 22.71
CA ILE A 227 3.45 6.15 21.63
C ILE A 227 3.65 7.61 21.99
N GLN A 228 3.26 8.05 23.21
CA GLN A 228 3.43 9.44 23.65
C GLN A 228 4.87 9.90 23.51
N ARG A 229 5.78 9.01 23.90
CA ARG A 229 7.21 9.24 23.86
C ARG A 229 7.71 9.38 22.42
N LYS A 230 7.10 8.71 21.44
CA LYS A 230 7.54 8.83 20.06
C LYS A 230 7.07 10.08 19.35
N LYS A 231 5.98 10.64 19.84
CA LYS A 231 5.40 11.86 19.31
C LYS A 231 6.01 13.08 19.97
N PHE A 232 6.26 12.97 21.27
CA PHE A 232 6.81 14.06 22.06
C PHE A 232 8.07 13.51 22.73
N PRO A 233 9.24 13.52 22.07
CA PRO A 233 10.49 12.97 22.58
C PRO A 233 11.06 13.64 23.82
N PRO A 234 11.21 12.98 24.98
CA PRO A 234 11.83 13.53 26.20
C PRO A 234 13.25 14.02 26.00
N ASP A 235 14.12 13.26 25.33
CA ASP A 235 15.48 13.72 25.08
C ASP A 235 15.50 14.69 23.87
N ASN A 236 14.40 15.40 23.57
CA ASN A 236 14.27 16.35 22.46
C ASN A 236 14.65 15.95 21.05
N SER A 237 14.90 14.66 20.90
CA SER A 237 15.25 14.02 19.65
C SER A 237 14.12 14.19 18.62
N ALA A 238 14.39 14.05 17.33
CA ALA A 238 13.34 14.15 16.31
C ALA A 238 12.24 13.10 16.50
N PRO A 239 10.96 13.47 16.48
CA PRO A 239 9.82 12.55 16.59
C PRO A 239 9.78 11.54 15.46
N TYR A 240 9.03 10.49 15.71
CA TYR A 240 8.88 9.44 14.73
C TYR A 240 7.77 9.75 13.75
N GLY A 241 7.93 9.19 12.56
CA GLY A 241 6.90 9.24 11.56
C GLY A 241 5.92 8.12 11.87
N ALA A 242 4.66 8.27 11.48
CA ALA A 242 3.71 7.22 11.71
C ALA A 242 3.29 6.66 10.34
N ARG A 243 3.25 5.34 10.18
CA ARG A 243 2.81 4.71 8.94
C ARG A 243 2.00 3.51 9.36
N TYR A 244 0.83 3.25 8.81
CA TYR A 244 0.05 2.06 9.15
C TYR A 244 -0.80 1.73 7.92
N VAL A 245 -0.29 0.88 7.04
CA VAL A 245 -1.05 0.49 5.86
C VAL A 245 -2.31 -0.26 6.26
N GLY A 246 -2.30 -1.09 7.31
CA GLY A 246 -3.51 -1.87 7.66
C GLY A 246 -3.42 -3.27 7.04
N SER A 247 -2.22 -3.71 6.71
CA SER A 247 -1.99 -4.96 6.06
C SER A 247 -0.68 -5.42 6.64
N MET A 248 -0.68 -6.55 7.35
CA MET A 248 0.51 -6.99 8.04
C MET A 248 1.72 -7.18 7.14
N VAL A 249 1.57 -7.73 5.94
CA VAL A 249 2.70 -7.91 5.06
C VAL A 249 3.28 -6.57 4.62
N ALA A 250 2.47 -5.56 4.30
CA ALA A 250 3.00 -4.27 3.86
C ALA A 250 3.68 -3.54 5.01
N ASP A 251 3.10 -3.58 6.22
CA ASP A 251 3.70 -2.94 7.37
C ASP A 251 4.94 -3.63 7.78
N VAL A 252 4.94 -4.97 7.89
CA VAL A 252 6.15 -5.72 8.21
C VAL A 252 7.21 -5.54 7.11
N HIS A 253 6.85 -5.59 5.81
CA HIS A 253 7.87 -5.43 4.77
C HIS A 253 8.56 -4.06 4.88
N ARG A 254 7.82 -2.96 5.10
CA ARG A 254 8.42 -1.64 5.28
C ARG A 254 9.32 -1.62 6.52
N THR A 255 8.87 -2.22 7.61
CA THR A 255 9.66 -2.30 8.84
C THR A 255 10.97 -3.03 8.54
N LEU A 256 10.96 -4.06 7.67
CA LEU A 256 12.19 -4.76 7.35
C LEU A 256 13.12 -3.89 6.53
N VAL A 257 12.62 -3.28 5.46
CA VAL A 257 13.43 -2.50 4.55
C VAL A 257 13.93 -1.17 5.13
N TYR A 258 13.06 -0.46 5.83
CA TYR A 258 13.32 0.87 6.34
C TYR A 258 13.64 0.94 7.83
N GLY A 259 13.38 -0.09 8.62
CA GLY A 259 13.61 -0.04 10.06
C GLY A 259 12.42 0.63 10.69
N GLY A 260 12.22 0.43 11.97
CA GLY A 260 11.05 0.98 12.62
C GLY A 260 10.49 -0.05 13.58
N ILE A 261 9.25 0.12 14.01
CA ILE A 261 8.62 -0.83 14.91
C ILE A 261 7.18 -0.95 14.41
N PHE A 262 6.66 -2.17 14.36
CA PHE A 262 5.29 -2.45 13.99
C PHE A 262 4.68 -3.10 15.23
N MET A 263 3.48 -2.68 15.64
CA MET A 263 2.82 -3.16 16.82
C MET A 263 1.39 -3.58 16.62
N TYR A 264 1.00 -4.76 17.09
CA TYR A 264 -0.41 -5.14 17.17
C TYR A 264 -0.51 -5.92 18.46
N PRO A 265 -0.57 -5.20 19.59
CA PRO A 265 -0.69 -5.78 20.90
C PRO A 265 -2.16 -6.05 21.17
N ALA A 266 -2.46 -6.48 22.39
CA ALA A 266 -3.85 -6.70 22.77
C ALA A 266 -4.63 -5.38 22.86
N ASN A 267 -5.64 -5.24 22.01
CA ASN A 267 -6.45 -4.03 22.00
C ASN A 267 -7.74 -4.30 22.75
N LYS A 268 -7.64 -5.01 23.88
CA LYS A 268 -8.74 -5.44 24.74
C LYS A 268 -9.91 -6.10 24.02
N LYS A 269 -10.60 -5.51 23.03
CA LYS A 269 -11.54 -6.20 22.14
C LYS A 269 -10.88 -7.50 21.66
N SER A 270 -9.58 -7.40 21.38
CA SER A 270 -8.79 -8.57 21.10
C SER A 270 -7.81 -8.61 22.28
N PRO A 271 -8.12 -9.31 23.39
CA PRO A 271 -7.27 -9.42 24.57
C PRO A 271 -6.08 -10.35 24.36
N LYS A 272 -6.11 -11.14 23.29
CA LYS A 272 -5.00 -12.01 22.94
C LYS A 272 -4.34 -11.47 21.68
N GLY A 273 -4.69 -10.27 21.24
CA GLY A 273 -4.23 -9.79 19.97
C GLY A 273 -5.14 -10.35 18.89
N LYS A 274 -4.95 -9.87 17.67
CA LYS A 274 -5.77 -10.26 16.53
C LYS A 274 -5.11 -11.34 15.70
N LEU A 275 -3.82 -11.17 15.54
CA LEU A 275 -3.08 -11.96 14.59
C LEU A 275 -2.78 -13.33 15.15
N ARG A 276 -3.07 -14.29 14.29
CA ARG A 276 -2.87 -15.69 14.58
C ARG A 276 -1.40 -16.03 14.58
N LEU A 277 -1.06 -16.82 15.56
CA LEU A 277 0.31 -17.17 15.87
C LEU A 277 1.04 -18.01 14.83
N LEU A 278 0.47 -19.14 14.43
CA LEU A 278 1.18 -20.07 13.58
C LEU A 278 1.38 -19.61 12.17
N TYR A 279 0.44 -18.84 11.62
CA TYR A 279 0.65 -18.43 10.24
C TYR A 279 0.73 -16.95 10.01
N GLU A 280 0.65 -16.10 11.04
CA GLU A 280 0.86 -14.67 10.82
C GLU A 280 2.02 -14.27 11.71
N CYS A 281 1.92 -14.36 13.04
CA CYS A 281 3.00 -13.93 13.90
C CYS A 281 4.32 -14.66 13.75
N ASN A 282 4.34 -16.00 13.87
CA ASN A 282 5.57 -16.78 13.79
C ASN A 282 6.37 -16.65 12.51
N PRO A 283 5.86 -16.69 11.25
CA PRO A 283 6.66 -16.46 10.05
C PRO A 283 7.32 -15.09 10.04
N MET A 284 6.53 -14.05 10.35
CA MET A 284 7.03 -12.69 10.40
C MET A 284 8.13 -12.54 11.46
N ALA A 285 7.96 -13.20 12.60
CA ALA A 285 8.93 -13.17 13.67
C ALA A 285 10.23 -13.90 13.33
N TYR A 286 10.15 -15.05 12.64
CA TYR A 286 11.32 -15.78 12.17
C TYR A 286 12.03 -14.89 11.17
N VAL A 287 11.34 -14.22 10.24
CA VAL A 287 12.00 -13.35 9.27
C VAL A 287 12.78 -12.27 9.99
N MET A 288 12.13 -11.56 10.92
CA MET A 288 12.73 -10.48 11.73
C MET A 288 13.97 -10.95 12.46
N GLU A 289 13.89 -12.04 13.22
CA GLU A 289 15.02 -12.51 13.97
C GLU A 289 16.14 -12.86 13.04
N LYS A 290 15.86 -13.50 11.91
CA LYS A 290 16.92 -13.80 10.96
C LYS A 290 17.55 -12.57 10.33
N ALA A 291 16.82 -11.46 10.33
CA ALA A 291 17.36 -10.21 9.83
C ALA A 291 17.94 -9.34 10.95
N GLY A 292 17.92 -9.77 12.21
CA GLY A 292 18.50 -8.99 13.29
C GLY A 292 17.50 -8.15 14.09
N GLY A 293 16.22 -8.32 13.88
CA GLY A 293 15.21 -7.59 14.63
C GLY A 293 14.74 -8.45 15.76
N LEU A 294 13.70 -8.02 16.46
CA LEU A 294 13.18 -8.77 17.58
C LEU A 294 11.68 -8.87 17.42
N ALA A 295 11.06 -9.88 17.98
CA ALA A 295 9.62 -9.96 17.93
C ALA A 295 9.15 -10.42 19.29
N THR A 296 8.27 -9.69 19.97
CA THR A 296 7.83 -9.99 21.31
C THR A 296 6.34 -9.71 21.42
N THR A 297 5.74 -10.34 22.42
CA THR A 297 4.36 -10.13 22.80
C THR A 297 4.32 -8.95 23.76
N GLY A 298 5.49 -8.53 24.22
CA GLY A 298 5.59 -7.55 25.27
C GLY A 298 5.84 -8.28 26.60
N LYS A 299 5.72 -9.60 26.61
CA LYS A 299 5.96 -10.40 27.79
C LYS A 299 6.95 -11.52 27.48
N GLU A 300 6.98 -12.08 26.26
CA GLU A 300 7.94 -13.12 25.91
C GLU A 300 8.15 -13.02 24.41
N ALA A 301 9.20 -13.67 23.92
CA ALA A 301 9.51 -13.71 22.49
C ALA A 301 8.48 -14.59 21.79
N VAL A 302 7.80 -14.15 20.72
CA VAL A 302 6.76 -14.98 20.13
C VAL A 302 7.27 -16.30 19.57
N LEU A 303 8.53 -16.38 19.11
CA LEU A 303 9.05 -17.63 18.59
C LEU A 303 9.20 -18.74 19.62
N ASP A 304 9.15 -18.40 20.91
CA ASP A 304 9.26 -19.40 21.96
C ASP A 304 7.94 -19.74 22.61
N ILE A 305 6.82 -19.24 22.08
CA ILE A 305 5.50 -19.57 22.61
C ILE A 305 5.21 -20.97 22.09
N VAL A 306 4.75 -21.85 22.97
CA VAL A 306 4.36 -23.20 22.60
C VAL A 306 2.87 -23.14 22.30
N PRO A 307 2.43 -23.44 21.09
CA PRO A 307 1.04 -23.34 20.68
C PRO A 307 0.20 -24.46 21.27
N THR A 308 -1.05 -24.23 21.66
CA THR A 308 -1.91 -25.33 22.06
C THR A 308 -3.07 -25.47 21.09
N ASP A 309 -3.29 -24.50 20.21
CA ASP A 309 -4.35 -24.58 19.23
C ASP A 309 -3.78 -24.04 17.94
N ILE A 310 -4.01 -24.65 16.79
CA ILE A 310 -3.50 -24.20 15.50
C ILE A 310 -4.09 -22.85 15.12
N HIS A 311 -5.15 -22.36 15.73
CA HIS A 311 -5.69 -21.06 15.35
C HIS A 311 -5.54 -20.03 16.47
N GLN A 312 -4.59 -20.29 17.38
CA GLN A 312 -4.28 -19.45 18.52
C GLN A 312 -3.79 -18.06 18.14
N ARG A 313 -4.18 -16.98 18.82
CA ARG A 313 -3.68 -15.62 18.52
C ARG A 313 -2.61 -15.22 19.52
N ALA A 314 -1.83 -14.22 19.20
CA ALA A 314 -0.80 -13.69 20.08
C ALA A 314 -0.78 -12.19 19.83
N PRO A 315 -0.36 -11.33 20.78
CA PRO A 315 0.07 -9.98 20.48
C PRO A 315 1.46 -10.05 19.89
N ILE A 316 1.81 -9.09 19.02
CA ILE A 316 3.11 -9.06 18.38
C ILE A 316 3.60 -7.59 18.34
N ILE A 317 4.88 -7.34 18.60
CA ILE A 317 5.57 -6.06 18.53
C ILE A 317 6.88 -6.51 17.88
N LEU A 318 7.21 -6.09 16.66
CA LEU A 318 8.44 -6.53 16.01
C LEU A 318 9.10 -5.38 15.27
N GLY A 319 10.38 -5.45 14.97
CA GLY A 319 11.05 -4.43 14.21
C GLY A 319 12.48 -4.31 14.70
N SER A 320 13.11 -3.17 14.38
CA SER A 320 14.48 -2.85 14.75
C SER A 320 14.76 -3.08 16.23
N PRO A 321 15.91 -3.65 16.58
CA PRO A 321 16.20 -4.08 17.94
C PRO A 321 16.07 -2.98 19.00
N GLU A 322 16.72 -1.83 18.80
CA GLU A 322 16.70 -0.74 19.75
C GLU A 322 15.31 -0.26 20.06
N ASP A 323 14.48 -0.15 19.03
CA ASP A 323 13.12 0.29 19.24
C ASP A 323 12.28 -0.75 19.97
N VAL A 324 12.48 -2.05 19.74
CA VAL A 324 11.67 -3.05 20.43
C VAL A 324 12.15 -3.18 21.87
N THR A 325 13.45 -3.00 22.11
CA THR A 325 14.08 -3.01 23.43
C THR A 325 13.54 -1.86 24.28
N GLU A 326 13.41 -0.68 23.68
CA GLU A 326 12.87 0.49 24.34
C GLU A 326 11.47 0.24 24.84
N LEU A 327 10.63 -0.39 24.01
CA LEU A 327 9.29 -0.71 24.44
C LEU A 327 9.32 -1.76 25.54
N LEU A 328 10.26 -2.71 25.50
CA LEU A 328 10.36 -3.70 26.55
C LEU A 328 10.72 -3.08 27.89
N GLU A 329 11.61 -2.09 27.90
CA GLU A 329 11.94 -1.39 29.13
C GLU A 329 10.69 -0.70 29.68
N ILE A 330 9.89 -0.03 28.85
CA ILE A 330 8.67 0.61 29.32
C ILE A 330 7.70 -0.41 29.89
N TYR A 331 7.70 -1.65 29.36
CA TYR A 331 6.89 -2.73 29.92
C TYR A 331 7.39 -3.15 31.29
N GLN A 332 8.71 -3.09 31.55
CA GLN A 332 9.25 -3.42 32.86
C GLN A 332 8.73 -2.43 33.88
N LYS A 333 8.87 -1.16 33.53
CA LYS A 333 8.46 -0.02 34.34
C LYS A 333 6.93 0.09 34.42
N HIS A 334 6.14 -0.98 34.37
CA HIS A 334 4.70 -0.88 34.47
C HIS A 334 4.27 -2.09 35.28
N ALA A 335 4.56 -1.87 36.54
CA ALA A 335 4.27 -2.77 37.62
C ALA A 335 4.01 -1.75 38.73
N PHE B 6 -12.42 -13.95 -24.48
CA PHE B 6 -12.31 -12.51 -24.32
C PHE B 6 -13.68 -11.91 -24.55
N ASP B 7 -13.92 -10.76 -23.94
CA ASP B 7 -15.14 -10.00 -24.08
C ASP B 7 -15.02 -9.36 -25.45
N THR B 8 -16.08 -9.33 -26.25
CA THR B 8 -16.01 -8.74 -27.57
C THR B 8 -16.60 -7.33 -27.54
N ASN B 9 -16.71 -6.71 -26.39
CA ASN B 9 -17.33 -5.40 -26.30
C ASN B 9 -16.75 -4.72 -25.06
N ILE B 10 -15.47 -4.34 -25.16
CA ILE B 10 -14.76 -3.79 -24.02
C ILE B 10 -14.83 -2.27 -24.01
N VAL B 11 -15.16 -1.72 -22.84
CA VAL B 11 -15.26 -0.29 -22.69
C VAL B 11 -13.94 0.20 -22.15
N THR B 12 -13.06 0.58 -23.09
CA THR B 12 -11.76 1.11 -22.76
C THR B 12 -11.89 2.56 -22.34
N LEU B 13 -10.90 3.16 -21.67
CA LEU B 13 -10.95 4.58 -21.33
C LEU B 13 -11.22 5.46 -22.55
N THR B 14 -10.49 5.24 -23.64
CA THR B 14 -10.62 5.97 -24.90
C THR B 14 -12.07 5.92 -25.41
N ARG B 15 -12.64 4.73 -25.55
CA ARG B 15 -14.03 4.61 -25.97
C ARG B 15 -14.95 5.36 -25.02
N PHE B 16 -14.78 5.25 -23.71
CA PHE B 16 -15.66 5.91 -22.77
C PHE B 16 -15.67 7.42 -22.99
N VAL B 17 -14.48 8.02 -22.94
CA VAL B 17 -14.27 9.45 -23.12
C VAL B 17 -14.91 9.86 -24.42
N MET B 18 -14.68 9.11 -25.49
CA MET B 18 -15.29 9.40 -26.77
C MET B 18 -16.80 9.30 -26.76
N GLU B 19 -17.45 8.32 -26.14
CA GLU B 19 -18.90 8.24 -26.14
C GLU B 19 -19.47 9.41 -25.37
N GLN B 20 -18.79 9.86 -24.32
CA GLN B 20 -19.22 11.05 -23.59
C GLN B 20 -18.89 12.31 -24.36
N GLY B 21 -17.82 12.32 -25.15
CA GLY B 21 -17.39 13.47 -25.93
C GLY B 21 -18.33 13.74 -27.10
N ARG B 22 -18.76 12.69 -27.79
CA ARG B 22 -19.69 12.77 -28.91
C ARG B 22 -21.02 13.29 -28.38
N LYS B 23 -21.41 12.79 -27.19
CA LYS B 23 -22.61 13.23 -26.49
C LYS B 23 -22.64 14.74 -26.30
N ALA B 24 -21.49 15.38 -26.14
CA ALA B 24 -21.44 16.81 -26.03
C ALA B 24 -20.80 17.50 -27.23
N ARG B 25 -20.54 16.76 -28.32
CA ARG B 25 -19.88 17.22 -29.55
C ARG B 25 -18.67 18.11 -29.23
N GLY B 26 -17.96 17.66 -28.20
CA GLY B 26 -16.90 18.45 -27.64
C GLY B 26 -15.49 17.96 -27.87
N THR B 27 -14.58 18.93 -27.79
CA THR B 27 -13.13 18.83 -27.89
C THR B 27 -12.46 17.83 -28.83
N GLY B 28 -12.56 16.49 -28.73
CA GLY B 28 -11.74 15.62 -29.56
C GLY B 28 -10.33 15.59 -28.99
N GLU B 29 -9.62 16.73 -28.95
CA GLU B 29 -8.29 16.89 -28.37
C GLU B 29 -8.10 16.21 -27.02
N MET B 30 -9.12 16.28 -26.15
CA MET B 30 -9.03 15.60 -24.86
C MET B 30 -8.74 14.11 -25.01
N THR B 31 -9.34 13.42 -26.00
CA THR B 31 -9.12 12.00 -26.21
C THR B 31 -7.66 11.76 -26.61
N GLN B 32 -7.03 12.62 -27.41
CA GLN B 32 -5.64 12.45 -27.81
C GLN B 32 -4.82 12.69 -26.57
N LEU B 33 -5.20 13.67 -25.74
CA LEU B 33 -4.48 13.99 -24.52
C LEU B 33 -4.48 12.80 -23.56
N LEU B 34 -5.64 12.36 -23.07
CA LEU B 34 -5.71 11.24 -22.14
C LEU B 34 -5.18 9.93 -22.73
N ASN B 35 -5.29 9.67 -24.03
CA ASN B 35 -4.72 8.48 -24.64
C ASN B 35 -3.20 8.51 -24.51
N SER B 36 -2.56 9.67 -24.76
CA SER B 36 -1.13 9.80 -24.59
C SER B 36 -0.72 9.61 -23.14
N LEU B 37 -1.51 10.17 -22.23
CA LEU B 37 -1.28 10.02 -20.79
C LEU B 37 -1.35 8.54 -20.41
N CYS B 38 -2.32 7.80 -20.95
CA CYS B 38 -2.41 6.37 -20.71
C CYS B 38 -1.17 5.65 -21.19
N THR B 39 -0.53 5.98 -22.31
CA THR B 39 0.72 5.35 -22.67
C THR B 39 1.81 5.55 -21.63
N ALA B 40 1.96 6.79 -21.16
CA ALA B 40 2.96 7.12 -20.14
C ALA B 40 2.70 6.31 -18.87
N VAL B 41 1.44 6.28 -18.45
CA VAL B 41 1.03 5.53 -17.29
C VAL B 41 1.33 4.04 -17.43
N LYS B 42 1.14 3.40 -18.58
CA LYS B 42 1.45 1.99 -18.71
C LYS B 42 2.95 1.78 -18.67
N ALA B 43 3.71 2.66 -19.28
CA ALA B 43 5.14 2.53 -19.25
C ALA B 43 5.65 2.70 -17.81
N ILE B 44 5.10 3.60 -17.00
CA ILE B 44 5.58 3.76 -15.63
C ILE B 44 5.15 2.58 -14.78
N SER B 45 3.95 2.04 -14.99
CA SER B 45 3.48 0.87 -14.29
C SER B 45 4.46 -0.27 -14.56
N THR B 46 4.85 -0.57 -15.80
CA THR B 46 5.77 -1.68 -16.05
C THR B 46 7.12 -1.47 -15.41
N ALA B 47 7.58 -0.22 -15.42
CA ALA B 47 8.84 0.14 -14.81
C ALA B 47 8.80 -0.07 -13.29
N VAL B 48 7.75 0.36 -12.60
CA VAL B 48 7.62 0.16 -11.17
C VAL B 48 7.54 -1.35 -10.87
N ARG B 49 6.79 -2.13 -11.66
CA ARG B 49 6.61 -3.55 -11.43
C ARG B 49 7.90 -4.36 -11.57
N LYS B 50 8.89 -3.88 -12.31
CA LYS B 50 10.18 -4.58 -12.39
C LYS B 50 11.28 -3.75 -11.73
N ALA B 51 10.89 -2.79 -10.89
CA ALA B 51 11.81 -1.82 -10.28
C ALA B 51 13.09 -2.32 -9.69
N GLY B 52 13.09 -3.44 -8.99
CA GLY B 52 14.33 -3.89 -8.37
C GLY B 52 15.09 -4.93 -9.17
N ILE B 53 14.62 -5.28 -10.36
CA ILE B 53 15.29 -6.29 -11.14
C ILE B 53 16.22 -5.61 -12.12
N ALA B 54 15.85 -4.40 -12.54
CA ALA B 54 16.60 -3.67 -13.54
C ALA B 54 17.90 -3.06 -13.02
N HIS B 55 18.91 -3.13 -13.73
N ASP B 68 18.36 6.12 -8.45
CA ASP B 68 17.77 4.91 -7.91
C ASP B 68 16.26 5.15 -8.03
N GLN B 69 15.43 4.62 -7.13
CA GLN B 69 13.98 4.80 -7.15
C GLN B 69 13.63 6.23 -6.76
N VAL B 70 13.96 6.57 -5.50
CA VAL B 70 13.79 7.90 -4.89
C VAL B 70 14.01 9.03 -5.89
N LYS B 71 15.20 9.01 -6.49
CA LYS B 71 15.55 9.97 -7.53
C LYS B 71 16.19 9.14 -8.63
N LYS B 72 15.75 9.41 -9.85
CA LYS B 72 16.17 8.88 -11.15
C LYS B 72 14.91 8.34 -11.78
N LEU B 73 14.25 7.32 -11.26
CA LEU B 73 13.06 6.79 -11.91
C LEU B 73 11.98 7.86 -12.09
N ASP B 74 11.87 8.79 -11.13
CA ASP B 74 10.93 9.89 -11.27
C ASP B 74 11.33 10.90 -12.36
N VAL B 75 12.63 11.05 -12.59
CA VAL B 75 13.11 11.94 -13.65
C VAL B 75 12.74 11.28 -14.98
N LEU B 76 13.00 9.98 -15.13
CA LEU B 76 12.61 9.28 -16.34
C LEU B 76 11.09 9.32 -16.55
N SER B 77 10.27 9.19 -15.51
CA SER B 77 8.82 9.31 -15.65
C SER B 77 8.45 10.72 -16.15
N ASN B 78 9.12 11.75 -15.61
CA ASN B 78 8.90 13.14 -15.94
C ASN B 78 9.16 13.34 -17.42
N ASP B 79 10.26 12.81 -17.93
CA ASP B 79 10.55 12.95 -19.34
C ASP B 79 9.54 12.27 -20.24
N LEU B 80 9.14 11.07 -19.88
CA LEU B 80 8.16 10.37 -20.66
C LEU B 80 6.81 11.11 -20.65
N VAL B 81 6.26 11.57 -19.51
CA VAL B 81 4.95 12.26 -19.51
C VAL B 81 5.03 13.56 -20.33
N ILE B 82 6.12 14.33 -20.24
CA ILE B 82 6.32 15.54 -21.05
C ILE B 82 6.33 15.16 -22.54
N ASN B 83 7.15 14.21 -23.01
CA ASN B 83 7.17 13.84 -24.42
C ASN B 83 5.83 13.40 -24.94
N VAL B 84 5.08 12.55 -24.24
CA VAL B 84 3.80 12.11 -24.77
C VAL B 84 2.78 13.22 -24.75
N LEU B 85 2.79 14.12 -23.77
CA LEU B 85 1.83 15.21 -23.77
C LEU B 85 2.12 16.19 -24.88
N LYS B 86 3.38 16.55 -25.11
CA LYS B 86 3.73 17.37 -26.25
C LYS B 86 3.27 16.70 -27.54
N SER B 87 3.46 15.39 -27.73
CA SER B 87 3.02 14.74 -28.94
C SER B 87 1.53 14.44 -29.10
N SER B 88 0.69 14.80 -28.14
CA SER B 88 -0.73 14.59 -28.34
C SER B 88 -1.33 15.71 -29.15
N PHE B 89 -0.59 16.81 -29.44
CA PHE B 89 -1.12 17.98 -30.14
C PHE B 89 -2.36 18.53 -29.44
N ALA B 90 -2.39 18.43 -28.10
CA ALA B 90 -3.53 18.86 -27.30
C ALA B 90 -3.14 19.78 -26.15
N THR B 91 -1.89 20.15 -25.95
CA THR B 91 -1.49 20.95 -24.80
C THR B 91 -0.72 22.18 -25.24
N CYS B 92 -0.58 23.19 -24.40
CA CYS B 92 0.28 24.33 -24.68
C CYS B 92 1.19 24.68 -23.51
N VAL B 93 0.78 24.42 -22.25
CA VAL B 93 1.55 24.74 -21.05
C VAL B 93 1.53 23.48 -20.18
N LEU B 94 2.66 23.04 -19.65
CA LEU B 94 2.76 21.88 -18.78
C LEU B 94 3.44 22.28 -17.47
N VAL B 95 2.89 22.01 -16.30
CA VAL B 95 3.55 22.28 -15.03
C VAL B 95 3.88 20.92 -14.47
N THR B 96 5.08 20.72 -13.97
CA THR B 96 5.50 19.47 -13.37
C THR B 96 5.94 19.72 -11.95
N GLU B 97 5.92 18.74 -11.07
CA GLU B 97 6.59 18.89 -9.79
C GLU B 97 8.09 19.11 -10.03
N GLU B 98 8.70 18.37 -10.96
CA GLU B 98 10.14 18.40 -11.23
C GLU B 98 10.71 19.67 -11.85
N ASP B 99 9.94 20.38 -12.67
CA ASP B 99 10.46 21.55 -13.36
C ASP B 99 10.12 22.83 -12.61
N LYS B 100 11.14 23.65 -12.41
CA LYS B 100 10.95 24.92 -11.72
C LYS B 100 9.99 25.83 -12.46
N ASN B 101 10.18 25.99 -13.77
CA ASN B 101 9.31 26.81 -14.59
C ASN B 101 8.42 25.91 -15.42
N ALA B 102 7.31 26.46 -15.91
CA ALA B 102 6.35 25.73 -16.74
C ALA B 102 6.87 25.50 -18.15
N ILE B 103 6.58 24.35 -18.77
CA ILE B 103 7.02 24.06 -20.12
C ILE B 103 5.99 24.55 -21.12
N ILE B 104 6.43 25.30 -22.13
CA ILE B 104 5.55 25.81 -23.17
C ILE B 104 5.87 24.92 -24.37
N VAL B 105 4.82 24.52 -25.05
CA VAL B 105 4.94 23.60 -26.15
C VAL B 105 5.30 24.36 -27.40
N GLU B 106 5.98 23.68 -28.30
CA GLU B 106 6.34 24.21 -29.62
C GLU B 106 5.08 24.58 -30.40
N PRO B 107 5.03 25.69 -31.15
CA PRO B 107 3.88 26.14 -31.94
C PRO B 107 3.15 25.09 -32.74
N GLU B 108 3.86 24.35 -33.56
CA GLU B 108 3.25 23.30 -34.37
C GLU B 108 2.60 22.14 -33.62
N LYS B 109 2.98 21.99 -32.36
CA LYS B 109 2.49 20.93 -31.52
C LYS B 109 1.46 21.42 -30.53
N ARG B 110 1.22 22.72 -30.45
CA ARG B 110 0.31 23.23 -29.45
C ARG B 110 -1.13 22.87 -29.69
N GLY B 111 -1.86 22.84 -28.59
CA GLY B 111 -3.28 22.58 -28.57
C GLY B 111 -3.85 23.42 -27.45
N LYS B 112 -5.12 23.28 -27.12
CA LYS B 112 -5.73 24.14 -26.12
C LYS B 112 -5.59 23.84 -24.64
N TYR B 113 -4.82 22.86 -24.18
CA TYR B 113 -4.80 22.51 -22.77
C TYR B 113 -3.54 22.74 -21.96
N VAL B 114 -3.77 22.94 -20.68
CA VAL B 114 -2.75 23.18 -19.69
C VAL B 114 -2.80 21.94 -18.80
N VAL B 115 -1.75 21.13 -18.65
CA VAL B 115 -1.79 19.98 -17.75
C VAL B 115 -0.83 20.28 -16.60
N CYS B 116 -1.25 20.03 -15.39
CA CYS B 116 -0.41 20.22 -14.23
C CYS B 116 -0.22 18.82 -13.71
N PHE B 117 1.00 18.30 -13.58
CA PHE B 117 1.15 16.93 -13.16
C PHE B 117 2.30 16.64 -12.20
N ASP B 118 2.02 15.67 -11.35
CA ASP B 118 3.05 15.11 -10.53
C ASP B 118 3.35 13.77 -11.18
N PRO B 119 4.51 13.55 -11.79
CA PRO B 119 4.84 12.32 -12.50
C PRO B 119 4.93 11.09 -11.62
N LEU B 120 5.45 11.12 -10.38
CA LEU B 120 5.55 9.94 -9.55
C LEU B 120 5.58 10.33 -8.08
N ASP B 121 4.38 10.52 -7.60
CA ASP B 121 4.14 10.91 -6.22
C ASP B 121 4.73 9.90 -5.24
N GLY B 122 5.70 10.18 -4.35
CA GLY B 122 6.20 9.21 -3.41
C GLY B 122 7.32 8.32 -3.92
N SER B 123 8.12 8.71 -4.91
CA SER B 123 9.16 7.85 -5.51
C SER B 123 10.05 7.15 -4.47
N SER B 124 10.27 7.75 -3.31
CA SER B 124 10.97 7.13 -2.18
C SER B 124 10.37 5.78 -1.77
N ASN B 125 9.03 5.80 -1.69
CA ASN B 125 8.23 4.68 -1.25
C ASN B 125 8.42 3.43 -2.07
N ILE B 126 9.04 3.48 -3.25
CA ILE B 126 9.28 2.30 -4.07
C ILE B 126 10.15 1.28 -3.34
N ASP B 127 11.14 1.75 -2.62
CA ASP B 127 12.08 0.91 -1.90
C ASP B 127 11.39 -0.02 -0.90
N CYS B 128 10.26 0.44 -0.39
CA CYS B 128 9.48 -0.23 0.65
C CYS B 128 8.25 -0.92 0.03
N LEU B 129 8.11 -0.84 -1.31
CA LEU B 129 7.02 -1.32 -2.16
C LEU B 129 5.63 -0.82 -1.79
N VAL B 130 5.63 0.42 -1.32
CA VAL B 130 4.41 1.13 -0.95
C VAL B 130 3.82 1.64 -2.28
N SER B 131 2.52 1.55 -2.46
CA SER B 131 1.88 2.03 -3.67
C SER B 131 2.04 3.53 -3.89
N ILE B 132 2.27 3.92 -5.13
CA ILE B 132 2.47 5.31 -5.48
C ILE B 132 1.66 5.66 -6.74
N GLY B 133 1.71 6.86 -7.30
CA GLY B 133 0.84 7.22 -8.39
C GLY B 133 1.30 8.41 -9.18
N THR B 134 0.52 8.77 -10.18
CA THR B 134 0.78 9.89 -11.07
C THR B 134 -0.43 10.76 -10.86
N ILE B 135 -0.32 12.06 -10.61
CA ILE B 135 -1.52 12.89 -10.39
C ILE B 135 -1.56 13.93 -11.48
N PHE B 136 -2.71 14.30 -12.06
CA PHE B 136 -2.78 15.28 -13.14
C PHE B 136 -4.01 16.18 -13.08
N GLY B 137 -3.87 17.42 -13.52
CA GLY B 137 -4.96 18.39 -13.59
C GLY B 137 -4.98 18.88 -15.02
N ILE B 138 -6.15 19.05 -15.62
CA ILE B 138 -6.26 19.52 -17.00
C ILE B 138 -7.16 20.75 -17.05
N TYR B 139 -6.53 21.87 -17.41
CA TYR B 139 -7.16 23.17 -17.57
C TYR B 139 -7.27 23.47 -19.05
N ARG B 140 -8.22 24.30 -19.44
CA ARG B 140 -8.31 24.72 -20.83
C ARG B 140 -7.69 26.11 -20.79
N LYS B 141 -6.76 26.44 -21.68
CA LYS B 141 -6.17 27.77 -21.75
C LYS B 141 -7.28 28.74 -22.15
N ASN B 142 -7.56 29.63 -21.22
CA ASN B 142 -8.64 30.60 -21.39
C ASN B 142 -8.28 31.88 -22.09
N SER B 143 -7.03 32.31 -21.95
CA SER B 143 -6.59 33.56 -22.54
C SER B 143 -6.33 33.44 -24.03
N THR B 144 -6.27 34.56 -24.72
CA THR B 144 -5.97 34.60 -26.14
C THR B 144 -4.50 34.94 -26.37
N ASP B 145 -3.76 35.21 -25.29
CA ASP B 145 -2.36 35.58 -25.38
C ASP B 145 -1.45 34.40 -25.71
N GLU B 146 -0.17 34.67 -25.87
CA GLU B 146 0.80 33.64 -26.11
C GLU B 146 0.87 32.82 -24.83
N PRO B 147 0.79 31.49 -24.80
CA PRO B 147 0.84 30.72 -23.58
C PRO B 147 2.06 30.96 -22.71
N SER B 148 1.81 31.02 -21.40
CA SER B 148 2.82 31.32 -20.39
C SER B 148 2.39 30.64 -19.08
N GLU B 149 3.21 30.59 -18.02
CA GLU B 149 2.77 29.94 -16.78
C GLU B 149 1.54 30.54 -16.15
N LYS B 150 1.23 31.76 -16.58
CA LYS B 150 0.04 32.50 -16.18
C LYS B 150 -1.20 31.66 -16.48
N ASP B 151 -1.17 30.86 -17.55
CA ASP B 151 -2.30 30.01 -17.88
C ASP B 151 -2.49 28.88 -16.88
N ALA B 152 -1.38 28.43 -16.28
CA ALA B 152 -1.45 27.40 -15.26
C ALA B 152 -2.08 27.93 -13.97
N LEU B 153 -2.03 29.23 -13.67
CA LEU B 153 -2.50 29.74 -12.38
C LEU B 153 -4.02 29.99 -12.24
N GLN B 154 -4.84 29.05 -12.70
CA GLN B 154 -6.29 29.18 -12.60
C GLN B 154 -6.72 28.57 -11.28
N PRO B 155 -7.79 28.97 -10.60
CA PRO B 155 -8.32 28.23 -9.46
C PRO B 155 -8.84 26.86 -9.88
N GLY B 156 -8.80 25.92 -8.94
CA GLY B 156 -9.13 24.51 -9.16
C GLY B 156 -10.50 24.27 -9.75
N ARG B 157 -11.43 25.13 -9.42
CA ARG B 157 -12.78 25.06 -9.94
C ARG B 157 -12.80 25.12 -11.47
N ASN B 158 -11.73 25.59 -12.12
CA ASN B 158 -11.61 25.68 -13.57
C ASN B 158 -11.13 24.43 -14.29
N LEU B 159 -10.84 23.37 -13.53
CA LEU B 159 -10.39 22.11 -14.12
C LEU B 159 -11.44 21.48 -14.99
N VAL B 160 -10.99 21.13 -16.16
CA VAL B 160 -11.81 20.47 -17.15
C VAL B 160 -11.86 18.98 -16.78
N ALA B 161 -10.71 18.46 -16.33
CA ALA B 161 -10.57 17.06 -15.96
C ALA B 161 -9.37 16.90 -15.04
N ALA B 162 -9.40 15.96 -14.11
CA ALA B 162 -8.28 15.72 -13.22
C ALA B 162 -8.34 14.26 -12.82
N GLY B 163 -7.28 13.71 -12.24
CA GLY B 163 -7.31 12.33 -11.79
C GLY B 163 -5.94 11.83 -11.40
N TYR B 164 -5.80 10.52 -11.24
CA TYR B 164 -4.57 9.89 -10.80
C TYR B 164 -4.48 8.45 -11.29
N ALA B 165 -3.27 7.92 -11.35
CA ALA B 165 -3.07 6.52 -11.68
C ALA B 165 -2.46 5.94 -10.42
N LEU B 166 -2.95 4.87 -9.83
CA LEU B 166 -2.39 4.25 -8.64
C LEU B 166 -1.67 3.00 -9.11
N TYR B 167 -0.39 2.83 -8.83
CA TYR B 167 0.36 1.65 -9.24
C TYR B 167 0.41 0.79 -8.00
N GLY B 168 -0.53 -0.12 -7.80
CA GLY B 168 -0.52 -0.95 -6.61
C GLY B 168 -0.58 -2.40 -7.02
N SER B 169 -1.34 -3.22 -6.30
CA SER B 169 -1.51 -4.62 -6.64
C SER B 169 -2.14 -4.78 -8.01
N ALA B 170 -2.76 -3.70 -8.48
CA ALA B 170 -3.32 -3.53 -9.81
C ALA B 170 -3.11 -2.05 -10.18
N THR B 171 -3.10 -1.59 -11.41
CA THR B 171 -2.92 -0.19 -11.77
C THR B 171 -4.33 0.29 -12.03
N MET B 172 -4.74 1.30 -11.30
CA MET B 172 -6.07 1.86 -11.43
C MET B 172 -5.96 3.28 -11.97
N LEU B 173 -6.68 3.73 -13.00
CA LEU B 173 -6.64 5.11 -13.40
C LEU B 173 -8.01 5.64 -13.01
N VAL B 174 -8.06 6.66 -12.16
CA VAL B 174 -9.32 7.26 -11.75
C VAL B 174 -9.42 8.59 -12.47
N LEU B 175 -10.53 8.83 -13.16
CA LEU B 175 -10.74 10.03 -13.95
C LEU B 175 -12.01 10.78 -13.55
N ALA B 176 -11.84 12.01 -13.08
CA ALA B 176 -12.97 12.83 -12.70
C ALA B 176 -13.09 13.88 -13.78
N MET B 177 -14.28 13.98 -14.32
CA MET B 177 -14.55 15.00 -15.30
C MET B 177 -15.85 15.59 -14.84
N VAL B 178 -16.25 16.71 -15.43
CA VAL B 178 -17.53 17.39 -15.18
C VAL B 178 -18.69 16.46 -14.80
N ASN B 179 -18.79 15.37 -15.58
CA ASN B 179 -19.73 14.28 -15.39
C ASN B 179 -19.73 13.59 -14.01
N GLY B 180 -18.58 13.34 -13.38
CA GLY B 180 -18.49 12.59 -12.13
C GLY B 180 -17.16 11.83 -12.11
N VAL B 181 -17.02 10.81 -11.26
CA VAL B 181 -15.77 10.05 -11.13
C VAL B 181 -15.91 8.65 -11.73
N ASN B 182 -14.97 8.23 -12.59
CA ASN B 182 -15.01 6.90 -13.19
C ASN B 182 -13.71 6.21 -12.93
N CYS B 183 -13.75 4.94 -12.51
CA CYS B 183 -12.52 4.18 -12.26
C CYS B 183 -12.29 3.23 -13.43
N PHE B 184 -11.02 3.07 -13.83
CA PHE B 184 -10.57 2.24 -14.94
C PHE B 184 -9.43 1.38 -14.44
N MET B 185 -9.30 0.13 -14.85
CA MET B 185 -8.22 -0.71 -14.36
C MET B 185 -7.45 -1.20 -15.56
N LEU B 186 -6.13 -1.24 -15.47
CA LEU B 186 -5.32 -1.70 -16.58
C LEU B 186 -5.36 -3.21 -16.73
N ASP B 187 -5.76 -3.65 -17.90
CA ASP B 187 -5.74 -5.06 -18.20
C ASP B 187 -4.33 -5.32 -18.69
N PRO B 188 -3.52 -6.05 -17.91
CA PRO B 188 -2.11 -6.29 -18.19
C PRO B 188 -1.94 -7.03 -19.52
N ALA B 189 -2.88 -7.94 -19.80
CA ALA B 189 -2.85 -8.73 -21.01
C ALA B 189 -3.00 -7.97 -22.32
N ILE B 190 -3.88 -6.97 -22.40
CA ILE B 190 -4.00 -6.25 -23.66
C ILE B 190 -3.56 -4.80 -23.60
N GLY B 191 -3.10 -4.30 -22.46
CA GLY B 191 -2.60 -2.92 -22.36
C GLY B 191 -3.68 -1.88 -22.55
N GLU B 192 -4.79 -2.03 -21.84
CA GLU B 192 -5.92 -1.14 -21.98
C GLU B 192 -6.53 -0.92 -20.64
N PHE B 193 -6.83 0.32 -20.34
CA PHE B 193 -7.57 0.62 -19.12
C PHE B 193 -9.05 0.33 -19.43
N ILE B 194 -9.70 -0.52 -18.63
CA ILE B 194 -11.05 -0.99 -18.81
C ILE B 194 -11.95 -0.34 -17.75
N LEU B 195 -13.15 0.12 -18.12
CA LEU B 195 -14.04 0.73 -17.13
C LEU B 195 -14.53 -0.34 -16.18
N VAL B 196 -14.29 -0.15 -14.88
CA VAL B 196 -14.75 -1.08 -13.86
C VAL B 196 -15.66 -0.44 -12.83
N ASP B 197 -15.79 0.88 -12.68
CA ASP B 197 -16.75 1.42 -11.74
C ASP B 197 -17.14 2.72 -12.38
N ARG B 198 -18.44 2.90 -12.39
CA ARG B 198 -18.99 3.90 -13.26
C ARG B 198 -19.40 5.27 -12.81
N ASN B 199 -19.89 5.56 -11.63
CA ASN B 199 -20.23 6.94 -11.33
C ASN B 199 -20.08 7.05 -9.82
N VAL B 200 -18.82 7.12 -9.41
CA VAL B 200 -18.48 6.97 -8.00
C VAL B 200 -18.85 8.14 -7.12
N LYS B 201 -19.43 7.80 -5.97
CA LYS B 201 -19.89 8.72 -4.95
C LYS B 201 -19.40 8.14 -3.63
N ILE B 202 -18.76 8.99 -2.84
CA ILE B 202 -18.18 8.60 -1.58
C ILE B 202 -19.27 8.56 -0.51
N LYS B 203 -19.05 7.69 0.47
CA LYS B 203 -19.90 7.51 1.63
C LYS B 203 -20.06 8.83 2.35
N LYS B 204 -21.26 9.20 2.83
CA LYS B 204 -21.47 10.46 3.51
C LYS B 204 -20.66 10.63 4.77
N LYS B 205 -20.58 9.61 5.63
CA LYS B 205 -19.64 9.62 6.73
C LYS B 205 -18.91 8.30 6.61
N GLY B 206 -17.70 8.26 7.17
CA GLY B 206 -16.82 7.13 7.07
C GLY B 206 -16.49 6.63 8.45
N SER B 207 -15.41 5.91 8.58
CA SER B 207 -15.04 5.31 9.83
C SER B 207 -13.53 5.25 10.00
N ILE B 208 -12.79 5.94 9.13
CA ILE B 208 -11.34 5.92 9.18
C ILE B 208 -10.89 7.36 9.05
N TYR B 209 -9.83 7.70 9.75
CA TYR B 209 -9.24 9.02 9.62
C TYR B 209 -7.79 8.74 9.25
N SER B 210 -7.21 9.50 8.33
CA SER B 210 -5.86 9.26 7.88
C SER B 210 -5.06 10.53 8.08
N ILE B 211 -4.05 10.49 8.96
CA ILE B 211 -3.18 11.62 9.24
C ILE B 211 -1.86 11.13 9.83
N ASN B 212 -0.70 11.73 9.54
CA ASN B 212 0.59 11.30 10.09
C ASN B 212 0.67 11.81 11.53
N GLU B 213 0.29 10.98 12.51
CA GLU B 213 0.31 11.43 13.88
C GLU B 213 1.69 11.60 14.49
N GLY B 214 2.76 11.34 13.77
CA GLY B 214 4.08 11.65 14.29
C GLY B 214 4.21 13.16 14.47
N TYR B 215 3.46 13.94 13.68
CA TYR B 215 3.47 15.38 13.79
C TYR B 215 2.60 15.95 14.89
N ALA B 216 2.04 15.14 15.81
CA ALA B 216 1.10 15.60 16.83
C ALA B 216 1.54 16.81 17.63
N LYS B 217 2.83 16.84 17.97
CA LYS B 217 3.42 17.93 18.72
C LYS B 217 3.19 19.31 18.09
N GLU B 218 2.95 19.37 16.79
CA GLU B 218 2.75 20.63 16.11
C GLU B 218 1.40 20.78 15.46
N PHE B 219 0.34 20.10 15.88
CA PHE B 219 -0.91 20.28 15.21
C PHE B 219 -1.65 21.46 15.81
N ASP B 220 -2.51 22.09 15.01
CA ASP B 220 -3.30 23.19 15.51
C ASP B 220 -4.43 22.64 16.39
N PRO B 221 -4.95 23.35 17.39
CA PRO B 221 -5.99 22.89 18.29
C PRO B 221 -7.21 22.28 17.64
N ALA B 222 -7.54 22.63 16.40
CA ALA B 222 -8.72 22.06 15.78
C ALA B 222 -8.49 20.60 15.39
N ILE B 223 -7.35 20.31 14.75
CA ILE B 223 -6.97 18.96 14.34
C ILE B 223 -6.92 18.09 15.58
N THR B 224 -6.19 18.59 16.58
CA THR B 224 -5.98 17.91 17.84
C THR B 224 -7.28 17.51 18.53
N GLU B 225 -8.27 18.40 18.55
CA GLU B 225 -9.55 18.10 19.15
C GLU B 225 -10.26 17.04 18.34
N TYR B 226 -10.21 17.13 17.01
CA TYR B 226 -10.88 16.16 16.15
C TYR B 226 -10.28 14.77 16.32
N ILE B 227 -8.95 14.59 16.29
CA ILE B 227 -8.32 13.29 16.43
C ILE B 227 -8.74 12.65 17.73
N GLN B 228 -8.64 13.34 18.87
CA GLN B 228 -9.06 12.74 20.12
C GLN B 228 -10.55 12.49 20.14
N ARG B 229 -11.36 13.18 19.35
CA ARG B 229 -12.78 12.92 19.28
C ARG B 229 -13.05 11.67 18.43
N LYS B 230 -12.10 11.30 17.57
CA LYS B 230 -12.21 10.08 16.78
C LYS B 230 -11.73 8.89 17.57
N LYS B 231 -10.76 9.10 18.46
CA LYS B 231 -10.19 8.06 19.31
C LYS B 231 -11.02 7.81 20.56
N PHE B 232 -11.68 8.86 21.05
CA PHE B 232 -12.49 8.82 22.27
C PHE B 232 -13.82 9.50 21.92
N PRO B 233 -14.76 8.82 21.25
CA PRO B 233 -15.94 9.47 20.67
C PRO B 233 -16.98 9.94 21.68
N PRO B 234 -17.36 11.24 21.65
CA PRO B 234 -18.04 11.93 22.74
C PRO B 234 -19.38 11.29 23.02
N ASP B 235 -20.11 10.98 21.95
CA ASP B 235 -21.41 10.36 22.03
C ASP B 235 -21.37 8.88 22.42
N ASN B 236 -20.24 8.42 22.97
CA ASN B 236 -20.00 7.07 23.45
C ASN B 236 -20.42 6.01 22.43
N SER B 237 -19.76 6.17 21.29
CA SER B 237 -19.92 5.31 20.12
C SER B 237 -18.64 4.52 19.92
N ALA B 238 -18.42 3.89 18.77
CA ALA B 238 -17.16 3.19 18.54
C ALA B 238 -16.21 4.22 17.93
N PRO B 239 -14.93 4.26 18.30
CA PRO B 239 -13.88 5.05 17.67
C PRO B 239 -13.60 4.73 16.21
N TYR B 240 -12.94 5.67 15.55
CA TYR B 240 -12.55 5.50 14.17
C TYR B 240 -11.27 4.70 14.06
N GLY B 241 -11.10 4.01 12.94
CA GLY B 241 -9.88 3.27 12.71
C GLY B 241 -8.86 4.23 12.12
N ALA B 242 -7.58 4.01 12.35
CA ALA B 242 -6.55 4.84 11.78
C ALA B 242 -6.03 4.08 10.58
N ARG B 243 -5.55 4.72 9.54
CA ARG B 243 -4.96 4.10 8.38
C ARG B 243 -4.09 5.17 7.76
N TYR B 244 -2.82 4.97 7.46
CA TYR B 244 -2.01 6.00 6.85
C TYR B 244 -0.87 5.32 6.11
N VAL B 245 -1.06 5.18 4.81
CA VAL B 245 -0.06 4.55 3.97
C VAL B 245 1.18 5.41 3.75
N GLY B 246 1.05 6.73 3.86
CA GLY B 246 2.18 7.63 3.61
C GLY B 246 2.39 7.86 2.11
N SER B 247 1.33 7.84 1.33
CA SER B 247 1.44 8.03 -0.08
C SER B 247 0.07 8.57 -0.38
N MET B 248 0.02 9.84 -0.78
CA MET B 248 -1.23 10.53 -1.01
C MET B 248 -2.18 9.74 -1.91
N VAL B 249 -1.72 9.21 -3.05
CA VAL B 249 -2.59 8.49 -3.99
C VAL B 249 -3.21 7.25 -3.34
N ALA B 250 -2.48 6.61 -2.44
CA ALA B 250 -3.00 5.43 -1.80
C ALA B 250 -4.04 5.80 -0.75
N ASP B 251 -3.76 6.82 0.07
CA ASP B 251 -4.72 7.24 1.08
C ASP B 251 -5.94 7.93 0.49
N VAL B 252 -5.84 8.76 -0.53
CA VAL B 252 -7.02 9.32 -1.18
C VAL B 252 -7.79 8.21 -1.90
N HIS B 253 -7.18 7.24 -2.60
CA HIS B 253 -7.96 6.20 -3.22
C HIS B 253 -8.73 5.36 -2.18
N ARG B 254 -8.11 5.02 -1.05
CA ARG B 254 -8.85 4.34 -0.01
C ARG B 254 -9.97 5.24 0.52
N THR B 255 -9.75 6.56 0.77
CA THR B 255 -10.78 7.46 1.24
C THR B 255 -11.93 7.48 0.23
N LEU B 256 -11.67 7.51 -1.07
CA LEU B 256 -12.72 7.51 -2.07
C LEU B 256 -13.52 6.21 -2.04
N VAL B 257 -12.88 5.03 -2.03
CA VAL B 257 -13.67 3.83 -2.10
C VAL B 257 -14.35 3.46 -0.78
N TYR B 258 -13.64 3.58 0.34
CA TYR B 258 -14.15 3.20 1.63
C TYR B 258 -14.79 4.34 2.41
N GLY B 259 -14.47 5.59 2.12
CA GLY B 259 -14.97 6.69 2.90
C GLY B 259 -14.04 6.96 4.09
N GLY B 260 -14.20 8.10 4.70
CA GLY B 260 -13.40 8.53 5.83
C GLY B 260 -12.81 9.89 5.46
N ILE B 261 -11.78 10.33 6.17
CA ILE B 261 -11.21 11.65 5.94
C ILE B 261 -9.71 11.53 5.91
N PHE B 262 -9.07 12.26 5.00
CA PHE B 262 -7.63 12.28 4.87
C PHE B 262 -7.26 13.70 5.19
N MET B 263 -6.23 13.87 6.00
CA MET B 263 -5.81 15.17 6.44
C MET B 263 -4.31 15.33 6.30
N TYR B 264 -3.88 16.36 5.58
CA TYR B 264 -2.51 16.83 5.71
C TYR B 264 -2.66 18.34 5.98
N PRO B 265 -2.89 18.75 7.25
CA PRO B 265 -2.87 20.15 7.64
C PRO B 265 -1.45 20.71 7.73
N ALA B 266 -1.34 21.97 8.10
CA ALA B 266 -0.04 22.58 8.29
C ALA B 266 0.57 22.15 9.63
N ASN B 267 1.89 22.20 9.71
CA ASN B 267 2.65 21.83 10.90
C ASN B 267 3.92 22.67 10.87
N LYS B 268 4.92 22.44 11.72
CA LYS B 268 6.18 23.19 11.79
C LYS B 268 6.94 23.30 10.49
N LYS B 269 7.41 22.20 9.91
CA LYS B 269 8.22 22.31 8.71
C LYS B 269 7.36 22.55 7.49
N SER B 270 6.03 22.52 7.65
CA SER B 270 5.13 22.69 6.55
C SER B 270 4.05 23.71 6.98
N PRO B 271 4.37 24.99 7.24
CA PRO B 271 3.44 26.00 7.73
C PRO B 271 2.24 26.30 6.81
N LYS B 272 2.38 26.08 5.50
CA LYS B 272 1.28 26.27 4.56
C LYS B 272 0.91 24.87 4.05
N GLY B 273 1.09 23.81 4.84
CA GLY B 273 0.84 22.45 4.38
C GLY B 273 2.06 21.96 3.61
N LYS B 274 2.06 20.70 3.18
CA LYS B 274 3.20 20.19 2.42
C LYS B 274 2.90 20.05 0.94
N LEU B 275 1.71 19.54 0.68
CA LEU B 275 1.32 19.13 -0.65
C LEU B 275 1.08 20.32 -1.56
N ARG B 276 1.63 20.20 -2.76
CA ARG B 276 1.50 21.23 -3.77
C ARG B 276 0.08 21.38 -4.29
N LEU B 277 -0.36 22.62 -4.33
CA LEU B 277 -1.68 22.96 -4.77
C LEU B 277 -2.02 22.55 -6.19
N LEU B 278 -1.29 22.97 -7.22
CA LEU B 278 -1.73 22.74 -8.59
C LEU B 278 -1.87 21.32 -9.11
N TYR B 279 -1.01 20.42 -8.63
CA TYR B 279 -0.97 19.07 -9.15
C TYR B 279 -1.04 17.94 -8.14
N GLU B 280 -1.39 18.22 -6.89
CA GLU B 280 -1.60 17.16 -5.93
C GLU B 280 -2.93 17.59 -5.33
N CYS B 281 -3.00 18.67 -4.54
CA CYS B 281 -4.24 19.08 -3.88
C CYS B 281 -5.44 19.34 -4.76
N ASN B 282 -5.29 20.10 -5.84
CA ASN B 282 -6.44 20.41 -6.68
C ASN B 282 -6.95 19.24 -7.50
N PRO B 283 -6.14 18.32 -8.08
CA PRO B 283 -6.64 17.11 -8.75
C PRO B 283 -7.42 16.21 -7.79
N MET B 284 -6.88 15.99 -6.60
CA MET B 284 -7.59 15.17 -5.64
C MET B 284 -8.86 15.87 -5.16
N ALA B 285 -8.84 17.19 -4.92
CA ALA B 285 -10.03 17.94 -4.50
C ALA B 285 -11.14 17.91 -5.55
N TYR B 286 -10.79 18.06 -6.83
CA TYR B 286 -11.77 17.98 -7.89
C TYR B 286 -12.34 16.56 -7.94
N VAL B 287 -11.51 15.50 -7.84
CA VAL B 287 -12.00 14.14 -7.85
C VAL B 287 -12.94 13.96 -6.66
N MET B 288 -12.52 14.38 -5.50
CA MET B 288 -13.31 14.26 -4.28
C MET B 288 -14.66 15.00 -4.32
N GLU B 289 -14.73 16.25 -4.76
CA GLU B 289 -16.01 16.96 -4.83
C GLU B 289 -16.88 16.39 -5.93
N LYS B 290 -16.35 15.99 -7.09
CA LYS B 290 -17.16 15.34 -8.12
C LYS B 290 -17.74 13.99 -7.66
N ALA B 291 -17.15 13.41 -6.62
CA ALA B 291 -17.65 12.20 -6.01
C ALA B 291 -18.51 12.54 -4.80
N GLY B 292 -18.97 13.78 -4.60
CA GLY B 292 -19.82 14.14 -3.48
C GLY B 292 -19.13 14.40 -2.15
N GLY B 293 -17.81 14.48 -2.11
CA GLY B 293 -17.09 14.74 -0.87
C GLY B 293 -16.65 16.18 -0.79
N LEU B 294 -15.88 16.54 0.22
CA LEU B 294 -15.45 17.90 0.40
C LEU B 294 -13.93 17.98 0.48
N ALA B 295 -13.35 19.13 0.09
CA ALA B 295 -11.92 19.35 0.22
C ALA B 295 -11.71 20.79 0.63
N THR B 296 -11.12 20.98 1.81
CA THR B 296 -10.92 22.30 2.40
C THR B 296 -9.52 22.40 2.99
N THR B 297 -9.15 23.66 3.15
CA THR B 297 -7.91 24.03 3.80
C THR B 297 -8.15 23.99 5.31
N GLY B 298 -9.41 24.02 5.72
CA GLY B 298 -9.76 24.20 7.11
C GLY B 298 -10.44 25.57 7.17
N LYS B 299 -10.05 26.47 6.25
CA LYS B 299 -10.66 27.76 6.03
C LYS B 299 -11.34 27.59 4.67
N GLU B 300 -10.89 28.21 3.58
CA GLU B 300 -11.52 28.07 2.28
C GLU B 300 -11.48 26.66 1.67
N ALA B 301 -12.36 26.49 0.71
CA ALA B 301 -12.41 25.30 -0.10
C ALA B 301 -11.17 25.36 -0.99
N VAL B 302 -10.46 24.23 -1.10
CA VAL B 302 -9.23 24.14 -1.87
C VAL B 302 -9.48 24.57 -3.30
N LEU B 303 -10.63 24.19 -3.89
CA LEU B 303 -10.89 24.51 -5.28
C LEU B 303 -11.10 25.98 -5.60
N ASP B 304 -11.14 26.87 -4.62
CA ASP B 304 -11.30 28.31 -4.86
C ASP B 304 -10.03 29.14 -4.71
N ILE B 305 -8.94 28.53 -4.24
CA ILE B 305 -7.71 29.27 -4.02
C ILE B 305 -7.14 29.67 -5.37
N VAL B 306 -7.05 30.96 -5.64
CA VAL B 306 -6.42 31.39 -6.87
C VAL B 306 -4.93 31.19 -6.62
N PRO B 307 -4.18 30.41 -7.42
CA PRO B 307 -2.75 30.22 -7.28
C PRO B 307 -1.96 31.51 -7.48
N THR B 308 -0.70 31.49 -7.05
CA THR B 308 0.23 32.60 -7.13
C THR B 308 1.50 32.04 -7.77
N ASP B 309 2.04 30.99 -7.17
CA ASP B 309 3.24 30.39 -7.70
C ASP B 309 2.83 29.00 -8.16
N ILE B 310 3.40 28.49 -9.26
CA ILE B 310 3.03 27.17 -9.78
C ILE B 310 3.29 26.04 -8.78
N HIS B 311 4.29 26.23 -7.94
CA HIS B 311 4.62 25.23 -6.92
C HIS B 311 4.18 25.69 -5.54
N GLN B 312 3.08 26.44 -5.48
CA GLN B 312 2.53 26.89 -4.22
C GLN B 312 2.00 25.68 -3.43
N ARG B 313 2.07 25.69 -2.10
CA ARG B 313 1.58 24.61 -1.24
C ARG B 313 0.25 24.95 -0.61
N ALA B 314 -0.47 23.93 -0.14
CA ALA B 314 -1.76 24.13 0.47
C ALA B 314 -1.98 23.03 1.50
N PRO B 315 -2.67 23.34 2.59
CA PRO B 315 -3.26 22.36 3.48
C PRO B 315 -4.44 21.71 2.79
N ILE B 316 -4.63 20.41 3.00
CA ILE B 316 -5.79 19.76 2.41
C ILE B 316 -6.40 18.82 3.43
N ILE B 317 -7.71 18.86 3.48
CA ILE B 317 -8.49 17.96 4.28
C ILE B 317 -9.57 17.51 3.30
N LEU B 318 -9.69 16.22 3.03
CA LEU B 318 -10.66 15.75 2.05
C LEU B 318 -11.36 14.50 2.55
N GLY B 319 -12.53 14.21 1.99
CA GLY B 319 -13.22 12.99 2.34
C GLY B 319 -14.72 13.13 2.40
N SER B 320 -15.35 12.24 3.15
CA SER B 320 -16.78 12.10 3.30
C SER B 320 -17.41 13.36 3.87
N PRO B 321 -18.50 13.88 3.28
CA PRO B 321 -19.04 15.20 3.59
C PRO B 321 -19.32 15.42 5.06
N GLU B 322 -20.00 14.47 5.69
CA GLU B 322 -20.30 14.52 7.11
C GLU B 322 -19.03 14.72 7.94
N ASP B 323 -17.97 14.03 7.57
CA ASP B 323 -16.73 14.10 8.33
C ASP B 323 -15.98 15.38 8.17
N VAL B 324 -15.86 15.87 6.94
CA VAL B 324 -15.12 17.11 6.70
C VAL B 324 -15.85 18.24 7.42
N THR B 325 -17.18 18.24 7.33
CA THR B 325 -18.02 19.20 8.02
C THR B 325 -17.74 19.20 9.51
N GLU B 326 -17.68 18.05 10.20
CA GLU B 326 -17.38 18.01 11.63
C GLU B 326 -16.08 18.74 11.90
N LEU B 327 -15.02 18.51 11.12
CA LEU B 327 -13.78 19.23 11.36
C LEU B 327 -13.95 20.69 11.02
N LEU B 328 -14.75 21.11 10.03
CA LEU B 328 -14.93 22.53 9.77
C LEU B 328 -15.64 23.24 10.92
N GLU B 329 -16.60 22.58 11.56
CA GLU B 329 -17.31 23.10 12.72
C GLU B 329 -16.31 23.34 13.84
N ILE B 330 -15.41 22.39 14.06
CA ILE B 330 -14.37 22.51 15.08
C ILE B 330 -13.41 23.64 14.67
N TYR B 331 -13.19 23.90 13.38
CA TYR B 331 -12.34 25.00 12.99
C TYR B 331 -13.03 26.30 13.29
N GLN B 332 -14.37 26.37 13.17
CA GLN B 332 -15.13 27.55 13.56
C GLN B 332 -14.94 27.92 15.03
N LYS B 333 -15.02 26.91 15.89
CA LYS B 333 -14.90 27.09 17.33
C LYS B 333 -13.60 27.75 17.77
N HIS B 334 -12.49 27.47 17.10
CA HIS B 334 -11.23 28.05 17.55
C HIS B 334 -10.91 28.96 16.38
N ALA B 335 -11.44 30.17 16.34
CA ALA B 335 -11.15 31.08 15.24
C ALA B 335 -11.04 32.50 15.79
#